data_5MV8
#
_entry.id   5MV8
#
_cell.length_a   69.620
_cell.length_b   42.560
_cell.length_c   118.170
_cell.angle_alpha   90.00
_cell.angle_beta   98.02
_cell.angle_gamma   90.00
#
_symmetry.space_group_name_H-M   'P 1 21 1'
#
loop_
_entity.id
_entity.type
_entity.pdbx_description
1 polymer 'Unconventional myosin-VIIb'
2 polymer 'cDNA FLJ51329, highly similar to Harmonin'
3 non-polymer GLYCEROL
4 non-polymer 'MAGNESIUM ION'
5 water water
#
loop_
_entity_poly.entity_id
_entity_poly.type
_entity_poly.pdbx_seq_one_letter_code
_entity_poly.pdbx_strand_id
1 'polypeptide(L)'
;MGSSHHHHHHHSSHHKEKLHTLEEFSYEFFRAPEKDMVSMAVLPLARARGHLWAYSCEPLRQPLLKRVHADVDLWNIACE
IFVAILRYMGDYPSRQAWPTLELTDQIFTLALQHPALQDEVYCQILKQLTHNSNRHSEERGWQLLWLCTGLFPPSKGLLP
HAQKFIDTRRGKLLAPDCSRRIQKVLRTGPRKQPPHEVEVEAAEQNVSRICHKIYFPNDTSEMLEVVANTRVRDVCDSIA
TRLQLASWEGCSLFIKISDKVISQKEGDFFFDSLREVSDWVKKNKPQKEGAPVTLPYQVYFMRKLWLNISPGKDVNADTI
LHYHQELPKYLRGFHKCSREDAIHLAGLIYKAQFNNDRSQLASVPKILRELVPENLTRLMSSEEWKKSILLAYDKHKDKT
VEEAKVAFLKWICRWPTFGSAFFEVKQTSEPSYPDVILIAINRHGVLLIHPKTKDLLTTYPFTKISSWSSGSTYFHMALG
SLGRGSRLLCETSLGYKMDDLLTSYVQQLLSAMNKQRGSKAPALAST
;
A
2 'polypeptide(L)'
;GAMGSQDFRKYEEGFDPYSMFTPEQIMGKDVRLLRIKKEGSLDLALEGGVDSPIGKVVVSAVYERGAAERHGGIVKGDEI
MAINGKIVTDYTLAEADAALQKAWNQGGDWIDLVVAVCPPKEYDDELTFF
;
B
#
loop_
_chem_comp.id
_chem_comp.type
_chem_comp.name
_chem_comp.formula
GOL non-polymer GLYCEROL 'C3 H8 O3'
MG non-polymer 'MAGNESIUM ION' 'Mg 2'
#
# COMPACT_ATOMS: atom_id res chain seq x y z
N HIS A 6 3.99 -39.50 6.64
CA HIS A 6 3.98 -39.37 8.09
C HIS A 6 4.24 -37.93 8.58
N HIS A 7 3.79 -36.94 7.77
CA HIS A 7 3.91 -35.49 8.05
C HIS A 7 3.09 -35.11 9.30
N HIS A 8 1.94 -35.78 9.44
CA HIS A 8 0.94 -35.59 10.49
C HIS A 8 1.43 -35.92 11.90
N HIS A 9 2.53 -36.70 12.03
CA HIS A 9 3.05 -37.17 13.32
C HIS A 9 4.30 -36.48 13.84
N HIS A 10 4.40 -36.45 15.17
CA HIS A 10 5.59 -36.02 15.89
C HIS A 10 6.31 -37.35 16.22
N HIS A 11 7.59 -37.48 15.78
CA HIS A 11 8.38 -38.71 15.96
C HIS A 11 9.35 -38.59 17.13
N SER A 12 9.44 -39.66 17.93
CA SER A 12 10.43 -39.75 19.02
C SER A 12 10.89 -41.19 19.24
N SER A 13 12.20 -41.35 19.54
CA SER A 13 12.82 -42.65 19.81
CA SER A 13 12.82 -42.65 19.81
C SER A 13 13.22 -42.74 21.28
N HIS A 14 13.19 -41.60 21.98
CA HIS A 14 13.57 -41.50 23.38
C HIS A 14 15.04 -41.18 23.61
N HIS A 15 15.82 -41.06 22.54
CA HIS A 15 17.26 -40.80 22.57
C HIS A 15 17.68 -40.02 21.33
N LYS A 16 18.91 -39.45 21.35
CA LYS A 16 19.40 -38.69 20.21
C LYS A 16 19.69 -39.60 19.03
N GLU A 17 19.21 -39.20 17.86
CA GLU A 17 19.42 -39.94 16.62
C GLU A 17 20.59 -39.32 15.88
N LYS A 18 21.22 -40.09 14.97
CA LYS A 18 22.30 -39.58 14.12
C LYS A 18 21.70 -38.42 13.30
N LEU A 19 22.49 -37.37 13.09
CA LEU A 19 22.10 -36.18 12.33
C LEU A 19 21.74 -36.55 10.90
N HIS A 20 20.50 -36.24 10.47
CA HIS A 20 20.03 -36.55 9.11
C HIS A 20 20.63 -35.58 8.09
N THR A 21 21.13 -36.10 6.99
CA THR A 21 21.73 -35.27 5.94
C THR A 21 20.97 -35.55 4.63
N LEU A 22 21.29 -34.81 3.56
CA LEU A 22 20.69 -35.06 2.25
C LEU A 22 21.53 -36.04 1.39
N GLU A 23 22.49 -36.76 2.01
CA GLU A 23 23.35 -37.74 1.32
C GLU A 23 22.52 -38.77 0.54
N GLU A 24 21.64 -39.53 1.22
CA GLU A 24 20.80 -40.55 0.57
C GLU A 24 19.86 -39.93 -0.47
N PHE A 25 19.25 -38.75 -0.14
CA PHE A 25 18.36 -38.02 -1.06
C PHE A 25 19.12 -37.63 -2.34
N SER A 26 20.37 -37.13 -2.18
CA SER A 26 21.26 -36.69 -3.27
C SER A 26 21.59 -37.78 -4.29
N TYR A 27 21.63 -39.06 -3.86
CA TYR A 27 21.93 -40.19 -4.75
C TYR A 27 20.88 -40.33 -5.85
N GLU A 28 19.61 -40.15 -5.49
CA GLU A 28 18.45 -40.24 -6.39
C GLU A 28 18.07 -38.94 -7.09
N PHE A 29 18.05 -37.80 -6.36
CA PHE A 29 17.54 -36.53 -6.90
C PHE A 29 18.58 -35.42 -7.22
N PHE A 30 19.84 -35.54 -6.76
CA PHE A 30 20.85 -34.53 -7.11
C PHE A 30 21.56 -34.94 -8.39
N ARG A 31 22.02 -33.95 -9.17
CA ARG A 31 22.81 -34.21 -10.38
C ARG A 31 24.22 -34.64 -9.97
N ALA A 32 24.97 -35.25 -10.91
CA ALA A 32 26.34 -35.72 -10.66
C ALA A 32 27.30 -34.54 -10.41
N PRO A 33 28.32 -34.69 -9.52
CA PRO A 33 29.29 -33.59 -9.33
C PRO A 33 30.17 -33.47 -10.59
N GLU A 34 30.19 -32.27 -11.19
CA GLU A 34 30.95 -31.99 -12.42
C GLU A 34 32.40 -31.68 -12.12
N GLY A 50 35.10 -32.20 -1.07
CA GLY A 50 33.89 -31.87 -0.33
C GLY A 50 32.62 -32.30 -1.02
N HIS A 51 31.66 -32.88 -0.26
CA HIS A 51 30.38 -33.36 -0.77
C HIS A 51 29.47 -32.29 -1.34
N LEU A 52 28.68 -32.67 -2.37
CA LEU A 52 27.70 -31.80 -3.02
C LEU A 52 26.47 -31.57 -2.09
N TRP A 53 26.27 -32.48 -1.13
CA TRP A 53 25.19 -32.43 -0.15
C TRP A 53 25.64 -31.81 1.19
N ALA A 54 26.93 -31.44 1.30
CA ALA A 54 27.50 -30.85 2.51
C ALA A 54 28.03 -29.45 2.26
N TYR A 55 28.19 -28.66 3.35
CA TYR A 55 28.67 -27.28 3.35
C TYR A 55 29.94 -27.08 2.51
N SER A 56 30.00 -25.97 1.76
CA SER A 56 31.15 -25.59 0.94
C SER A 56 31.14 -24.10 0.63
N CYS A 57 32.33 -23.44 0.76
CA CYS A 57 32.46 -22.01 0.48
CA CYS A 57 32.56 -22.02 0.49
C CYS A 57 32.66 -21.76 -1.02
N GLU A 58 32.80 -22.84 -1.81
CA GLU A 58 32.93 -22.80 -3.26
C GLU A 58 31.57 -22.51 -3.88
N PRO A 59 31.45 -21.51 -4.80
CA PRO A 59 30.14 -21.24 -5.40
C PRO A 59 29.73 -22.33 -6.38
N LEU A 60 28.43 -22.69 -6.40
CA LEU A 60 27.93 -23.72 -7.31
C LEU A 60 28.02 -23.21 -8.74
N ARG A 61 28.34 -24.11 -9.68
CA ARG A 61 28.45 -23.77 -11.09
C ARG A 61 27.22 -24.29 -11.83
N GLN A 62 26.53 -25.26 -11.21
CA GLN A 62 25.31 -25.91 -11.71
C GLN A 62 24.30 -26.07 -10.56
N PRO A 63 22.97 -26.10 -10.81
CA PRO A 63 22.02 -26.33 -9.71
C PRO A 63 22.19 -27.72 -9.09
N LEU A 64 21.80 -27.88 -7.81
CA LEU A 64 21.90 -29.13 -7.08
C LEU A 64 21.02 -30.25 -7.61
N LEU A 65 19.72 -29.96 -7.81
CA LEU A 65 18.70 -30.92 -8.23
C LEU A 65 18.73 -31.31 -9.69
N LYS A 66 18.44 -32.60 -9.98
CA LYS A 66 18.35 -33.20 -11.32
C LYS A 66 17.23 -32.51 -12.12
N ARG A 67 16.07 -32.22 -11.47
CA ARG A 67 14.90 -31.53 -12.04
C ARG A 67 15.30 -30.15 -12.57
N VAL A 68 15.99 -29.34 -11.72
CA VAL A 68 16.44 -27.99 -12.04
C VAL A 68 17.58 -28.03 -13.06
N HIS A 69 18.52 -29.00 -12.91
CA HIS A 69 19.65 -29.23 -13.82
C HIS A 69 19.16 -29.54 -15.24
N ALA A 70 18.09 -30.35 -15.37
CA ALA A 70 17.47 -30.73 -16.64
C ALA A 70 16.84 -29.54 -17.37
N ASP A 71 16.75 -28.40 -16.68
CA ASP A 71 16.19 -27.17 -17.23
C ASP A 71 17.24 -26.06 -17.30
N VAL A 72 17.79 -25.82 -18.51
CA VAL A 72 18.76 -24.76 -18.78
C VAL A 72 18.05 -23.42 -18.61
N ASP A 73 18.81 -22.34 -18.31
CA ASP A 73 18.33 -20.97 -18.03
C ASP A 73 17.94 -20.80 -16.56
N LEU A 74 17.63 -21.91 -15.87
CA LEU A 74 17.35 -21.95 -14.43
C LEU A 74 18.69 -22.12 -13.70
N TRP A 75 19.77 -22.41 -14.46
CA TRP A 75 21.15 -22.59 -13.98
C TRP A 75 21.70 -21.32 -13.36
N ASN A 76 21.62 -20.18 -14.09
CA ASN A 76 22.11 -18.87 -13.65
C ASN A 76 21.43 -18.40 -12.36
N ILE A 77 20.09 -18.54 -12.27
CA ILE A 77 19.34 -18.12 -11.09
C ILE A 77 19.73 -18.99 -9.88
N ALA A 78 19.83 -20.33 -10.06
CA ALA A 78 20.25 -21.25 -9.01
C ALA A 78 21.65 -20.90 -8.45
N CYS A 79 22.59 -20.51 -9.34
CA CYS A 79 23.96 -20.10 -8.98
C CYS A 79 23.95 -18.74 -8.26
N GLU A 80 23.11 -17.80 -8.73
CA GLU A 80 22.97 -16.47 -8.11
C GLU A 80 22.35 -16.59 -6.70
N ILE A 81 21.41 -17.55 -6.51
CA ILE A 81 20.78 -17.88 -5.21
C ILE A 81 21.87 -18.37 -4.23
N PHE A 82 22.75 -19.30 -4.68
CA PHE A 82 23.84 -19.82 -3.85
C PHE A 82 24.84 -18.73 -3.45
N VAL A 83 25.18 -17.83 -4.39
CA VAL A 83 26.08 -16.70 -4.13
C VAL A 83 25.45 -15.79 -3.04
N ALA A 84 24.13 -15.50 -3.15
CA ALA A 84 23.39 -14.69 -2.18
C ALA A 84 23.32 -15.39 -0.80
N ILE A 85 23.13 -16.73 -0.80
CA ILE A 85 23.16 -17.56 0.44
C ILE A 85 24.58 -17.47 1.07
N LEU A 86 25.64 -17.61 0.25
CA LEU A 86 27.04 -17.52 0.71
C LEU A 86 27.28 -16.14 1.35
N ARG A 87 26.81 -15.09 0.66
CA ARG A 87 26.94 -13.70 1.12
C ARG A 87 26.18 -13.48 2.43
N TYR A 88 24.92 -13.98 2.54
CA TYR A 88 24.12 -13.84 3.76
C TYR A 88 24.83 -14.53 4.93
N MET A 89 25.34 -15.75 4.70
CA MET A 89 25.98 -16.53 5.74
C MET A 89 27.41 -16.04 6.06
N GLY A 90 27.98 -15.20 5.20
CA GLY A 90 29.31 -14.62 5.36
C GLY A 90 30.44 -15.50 4.88
N ASP A 91 30.12 -16.45 3.99
CA ASP A 91 31.05 -17.41 3.43
C ASP A 91 31.68 -16.95 2.11
N TYR A 92 31.20 -15.84 1.57
CA TYR A 92 31.72 -15.27 0.32
C TYR A 92 32.98 -14.45 0.64
N PRO A 93 34.04 -14.61 -0.17
CA PRO A 93 35.40 -14.35 0.34
C PRO A 93 35.80 -12.87 0.17
N SER A 94 34.85 -11.97 0.46
CA SER A 94 35.02 -10.52 0.35
C SER A 94 34.18 -9.74 1.37
N ARG A 95 34.26 -8.39 1.29
CA ARG A 95 33.52 -7.46 2.15
C ARG A 95 33.05 -6.27 1.30
N GLN A 96 32.41 -6.57 0.15
CA GLN A 96 31.89 -5.57 -0.78
C GLN A 96 30.44 -5.20 -0.43
N ALA A 97 30.24 -4.78 0.85
CA ALA A 97 29.03 -4.33 1.57
C ALA A 97 27.69 -4.61 0.86
N TRP A 98 26.86 -5.49 1.47
CA TRP A 98 25.54 -5.85 0.93
C TRP A 98 24.40 -5.67 1.95
N PRO A 99 23.35 -4.88 1.61
CA PRO A 99 22.20 -4.77 2.53
C PRO A 99 21.46 -6.11 2.54
N THR A 100 21.13 -6.61 3.75
CA THR A 100 20.50 -7.93 3.96
C THR A 100 19.28 -8.19 3.08
N LEU A 101 18.36 -7.20 2.98
CA LEU A 101 17.13 -7.34 2.20
C LEU A 101 17.36 -7.65 0.72
N GLU A 102 18.42 -7.08 0.11
CA GLU A 102 18.75 -7.36 -1.29
C GLU A 102 19.16 -8.84 -1.44
N LEU A 103 19.92 -9.36 -0.45
CA LEU A 103 20.30 -10.77 -0.43
C LEU A 103 19.09 -11.70 -0.30
N THR A 104 18.17 -11.42 0.66
CA THR A 104 16.95 -12.23 0.88
C THR A 104 16.00 -12.14 -0.34
N ASP A 105 15.95 -10.97 -1.03
CA ASP A 105 15.18 -10.79 -2.26
C ASP A 105 15.78 -11.71 -3.36
N GLN A 106 17.11 -11.72 -3.50
CA GLN A 106 17.79 -12.58 -4.47
C GLN A 106 17.55 -14.09 -4.19
N ILE A 107 17.54 -14.49 -2.90
CA ILE A 107 17.35 -15.90 -2.51
C ILE A 107 15.93 -16.42 -2.78
N PHE A 108 14.89 -15.60 -2.48
CA PHE A 108 13.52 -16.10 -2.52
C PHE A 108 12.57 -15.59 -3.62
N THR A 109 12.80 -14.40 -4.19
CA THR A 109 11.88 -13.79 -5.17
C THR A 109 11.52 -14.71 -6.36
N LEU A 110 12.52 -15.16 -7.14
CA LEU A 110 12.24 -15.99 -8.31
C LEU A 110 11.68 -17.38 -7.95
N ALA A 111 12.03 -17.90 -6.75
CA ALA A 111 11.51 -19.19 -6.25
C ALA A 111 9.98 -19.14 -6.07
N LEU A 112 9.45 -17.98 -5.65
CA LEU A 112 8.02 -17.75 -5.46
C LEU A 112 7.26 -17.69 -6.80
N GLN A 113 7.93 -17.16 -7.83
CA GLN A 113 7.41 -17.01 -9.19
C GLN A 113 7.53 -18.31 -10.00
N HIS A 114 8.63 -19.04 -9.80
CA HIS A 114 8.92 -20.31 -10.45
C HIS A 114 9.03 -21.38 -9.35
N PRO A 115 7.92 -22.09 -9.02
CA PRO A 115 7.95 -23.07 -7.92
C PRO A 115 8.97 -24.21 -8.05
N ALA A 116 9.54 -24.43 -9.25
CA ALA A 116 10.56 -25.46 -9.50
C ALA A 116 11.85 -25.15 -8.74
N LEU A 117 12.06 -23.86 -8.39
CA LEU A 117 13.25 -23.38 -7.66
C LEU A 117 13.12 -23.52 -6.13
N GLN A 118 11.92 -23.86 -5.65
CA GLN A 118 11.64 -23.96 -4.21
C GLN A 118 12.36 -25.11 -3.51
N ASP A 119 12.46 -26.29 -4.13
CA ASP A 119 13.22 -27.39 -3.56
C ASP A 119 14.69 -27.11 -3.64
N GLU A 120 15.12 -26.42 -4.73
CA GLU A 120 16.51 -26.01 -4.94
C GLU A 120 16.97 -25.10 -3.78
N VAL A 121 16.13 -24.10 -3.40
CA VAL A 121 16.42 -23.19 -2.29
C VAL A 121 16.61 -23.99 -0.98
N TYR A 122 15.68 -24.93 -0.67
CA TYR A 122 15.77 -25.77 0.54
C TYR A 122 17.05 -26.58 0.57
N CYS A 123 17.37 -27.29 -0.55
CA CYS A 123 18.57 -28.11 -0.64
C CYS A 123 19.85 -27.31 -0.50
N GLN A 124 19.89 -26.09 -1.08
CA GLN A 124 21.05 -25.22 -0.96
C GLN A 124 21.26 -24.77 0.49
N ILE A 125 20.15 -24.43 1.21
CA ILE A 125 20.18 -24.03 2.64
C ILE A 125 20.63 -25.22 3.50
N LEU A 126 19.93 -26.39 3.38
CA LEU A 126 20.25 -27.61 4.14
CA LEU A 126 20.24 -27.61 4.15
C LEU A 126 21.69 -28.06 3.90
N LYS A 127 22.18 -27.92 2.65
CA LYS A 127 23.55 -28.26 2.27
C LYS A 127 24.51 -27.42 3.12
N GLN A 128 24.28 -26.09 3.17
CA GLN A 128 25.13 -25.14 3.90
C GLN A 128 25.03 -25.28 5.42
N LEU A 129 24.01 -26.03 5.88
CA LEU A 129 23.80 -26.34 7.29
C LEU A 129 24.36 -27.72 7.66
N THR A 130 24.87 -28.49 6.66
CA THR A 130 25.40 -29.83 6.84
C THR A 130 26.92 -29.84 6.97
N HIS A 131 27.43 -30.32 8.13
CA HIS A 131 28.86 -30.40 8.44
C HIS A 131 29.50 -29.01 8.33
N ASN A 132 28.79 -27.99 8.82
CA ASN A 132 29.27 -26.62 8.82
C ASN A 132 29.88 -26.40 10.20
N SER A 133 31.21 -26.32 10.26
CA SER A 133 31.95 -26.16 11.50
C SER A 133 32.16 -24.68 11.86
N ASN A 134 31.55 -23.76 11.10
CA ASN A 134 31.64 -22.30 11.32
C ASN A 134 30.33 -21.85 11.97
N ARG A 135 30.35 -21.66 13.29
CA ARG A 135 29.19 -21.30 14.10
C ARG A 135 28.42 -20.08 13.62
N HIS A 136 29.12 -18.99 13.22
CA HIS A 136 28.45 -17.79 12.71
C HIS A 136 27.71 -18.12 11.43
N SER A 137 28.37 -18.83 10.49
CA SER A 137 27.78 -19.25 9.22
C SER A 137 26.56 -20.14 9.47
N GLU A 138 26.71 -21.13 10.37
CA GLU A 138 25.64 -22.05 10.73
C GLU A 138 24.43 -21.30 11.31
N GLU A 139 24.68 -20.29 12.18
CA GLU A 139 23.64 -19.49 12.81
C GLU A 139 22.82 -18.76 11.74
N ARG A 140 23.53 -18.13 10.79
CA ARG A 140 22.96 -17.38 9.65
C ARG A 140 22.18 -18.30 8.73
N GLY A 141 22.69 -19.52 8.53
CA GLY A 141 22.02 -20.53 7.73
C GLY A 141 20.66 -20.91 8.30
N TRP A 142 20.56 -21.02 9.64
CA TRP A 142 19.31 -21.32 10.32
C TRP A 142 18.31 -20.17 10.20
N GLN A 143 18.82 -18.91 10.08
CA GLN A 143 17.97 -17.74 9.87
C GLN A 143 17.35 -17.84 8.48
N LEU A 144 18.12 -18.35 7.49
CA LEU A 144 17.61 -18.53 6.13
C LEU A 144 16.55 -19.63 6.08
N LEU A 145 16.79 -20.73 6.78
CA LEU A 145 15.81 -21.84 6.86
C LEU A 145 14.53 -21.36 7.54
N TRP A 146 14.66 -20.53 8.58
CA TRP A 146 13.54 -19.93 9.31
C TRP A 146 12.71 -19.02 8.35
N LEU A 147 13.40 -18.15 7.58
CA LEU A 147 12.71 -17.30 6.61
C LEU A 147 12.03 -18.15 5.54
N CYS A 148 12.73 -19.17 5.02
CA CYS A 148 12.27 -20.08 3.98
C CYS A 148 10.99 -20.82 4.37
N THR A 149 10.93 -21.38 5.60
CA THR A 149 9.78 -22.16 6.11
C THR A 149 8.51 -21.29 6.28
N GLY A 150 8.71 -19.98 6.38
CA GLY A 150 7.64 -19.02 6.48
C GLY A 150 7.12 -18.57 5.12
N LEU A 151 7.75 -19.03 4.03
CA LEU A 151 7.35 -18.64 2.67
C LEU A 151 6.69 -19.78 1.91
N PHE A 152 7.36 -20.93 1.86
CA PHE A 152 6.85 -22.07 1.11
C PHE A 152 7.35 -23.39 1.71
N PRO A 153 6.59 -24.49 1.57
CA PRO A 153 7.09 -25.77 2.12
C PRO A 153 7.98 -26.50 1.11
N PRO A 154 8.76 -27.52 1.54
CA PRO A 154 9.47 -28.36 0.54
C PRO A 154 8.41 -29.23 -0.16
N SER A 155 8.71 -29.76 -1.36
CA SER A 155 7.77 -30.64 -2.09
C SER A 155 7.57 -31.96 -1.33
N LYS A 156 6.56 -32.76 -1.74
CA LYS A 156 6.21 -34.05 -1.16
C LYS A 156 7.42 -34.99 -0.98
N GLY A 157 8.30 -35.04 -1.98
CA GLY A 157 9.49 -35.89 -1.98
C GLY A 157 10.59 -35.43 -1.04
N LEU A 158 10.76 -34.11 -0.91
CA LEU A 158 11.79 -33.49 -0.08
C LEU A 158 11.36 -33.35 1.37
N LEU A 159 10.05 -33.09 1.62
CA LEU A 159 9.46 -32.90 2.94
C LEU A 159 9.95 -33.91 4.04
N PRO A 160 9.93 -35.26 3.86
CA PRO A 160 10.43 -36.15 4.93
C PRO A 160 11.91 -35.93 5.26
N HIS A 161 12.73 -35.56 4.25
CA HIS A 161 14.15 -35.29 4.44
C HIS A 161 14.37 -33.97 5.22
N ALA A 162 13.67 -32.89 4.81
CA ALA A 162 13.74 -31.61 5.52
C ALA A 162 13.21 -31.76 6.95
N GLN A 163 12.11 -32.53 7.14
CA GLN A 163 11.53 -32.78 8.46
C GLN A 163 12.53 -33.52 9.35
N LYS A 164 13.13 -34.62 8.85
CA LYS A 164 14.12 -35.39 9.60
C LYS A 164 15.35 -34.53 9.93
N PHE A 165 15.80 -33.69 8.96
CA PHE A 165 16.92 -32.75 9.11
C PHE A 165 16.69 -31.88 10.35
N ILE A 166 15.47 -31.29 10.45
CA ILE A 166 15.06 -30.44 11.58
C ILE A 166 14.88 -31.29 12.87
N ASP A 167 14.14 -32.42 12.78
CA ASP A 167 13.88 -33.31 13.91
C ASP A 167 15.14 -33.79 14.62
N THR A 168 16.21 -34.13 13.86
CA THR A 168 17.47 -34.60 14.45
C THR A 168 18.36 -33.44 14.94
N ARG A 169 17.90 -32.18 14.73
CA ARG A 169 18.60 -30.98 15.17
C ARG A 169 17.66 -30.08 16.02
N ARG A 170 16.74 -30.72 16.79
CA ARG A 170 15.74 -30.06 17.66
C ARG A 170 16.32 -29.07 18.66
N GLY A 171 17.58 -29.26 19.04
CA GLY A 171 18.28 -28.39 19.98
C GLY A 171 18.78 -27.10 19.40
N LYS A 172 18.69 -26.92 18.06
CA LYS A 172 19.09 -25.66 17.41
C LYS A 172 17.99 -24.64 17.73
N LEU A 173 18.40 -23.44 18.13
CA LEU A 173 17.49 -22.37 18.56
C LEU A 173 16.22 -22.24 17.71
N LEU A 174 16.36 -22.09 16.38
CA LEU A 174 15.24 -21.87 15.46
C LEU A 174 14.59 -23.14 14.90
N ALA A 175 15.20 -24.32 15.15
CA ALA A 175 14.72 -25.61 14.64
C ALA A 175 13.26 -25.93 15.01
N PRO A 176 12.78 -25.90 16.29
CA PRO A 176 11.35 -26.20 16.52
C PRO A 176 10.44 -25.21 15.79
N ASP A 177 10.83 -23.91 15.65
CA ASP A 177 9.99 -22.94 14.94
C ASP A 177 9.96 -23.24 13.44
N CYS A 178 11.09 -23.67 12.84
CA CYS A 178 11.12 -24.09 11.43
C CYS A 178 10.09 -25.23 11.18
N SER A 179 10.04 -26.19 12.09
CA SER A 179 9.13 -27.34 11.99
C SER A 179 7.67 -26.88 12.03
N ARG A 180 7.33 -25.97 12.97
CA ARG A 180 5.98 -25.42 13.07
C ARG A 180 5.59 -24.61 11.83
N ARG A 181 6.53 -23.83 11.28
CA ARG A 181 6.29 -22.99 10.11
C ARG A 181 5.97 -23.79 8.85
N ILE A 182 6.59 -24.96 8.67
CA ILE A 182 6.28 -25.87 7.56
C ILE A 182 4.82 -26.36 7.69
N GLN A 183 4.39 -26.76 8.91
CA GLN A 183 3.01 -27.20 9.18
C GLN A 183 2.02 -26.08 8.84
N LYS A 184 2.38 -24.83 9.20
CA LYS A 184 1.54 -23.64 8.97
C LYS A 184 1.40 -23.28 7.49
N VAL A 185 2.53 -23.24 6.75
CA VAL A 185 2.56 -22.85 5.34
C VAL A 185 1.86 -23.91 4.45
N LEU A 186 1.82 -25.18 4.89
CA LEU A 186 1.09 -26.25 4.19
C LEU A 186 -0.42 -26.04 4.39
N ARG A 187 -0.80 -25.48 5.56
CA ARG A 187 -2.19 -25.20 5.89
C ARG A 187 -2.76 -23.96 5.19
N THR A 188 -1.98 -22.85 5.12
CA THR A 188 -2.47 -21.59 4.54
C THR A 188 -2.01 -21.31 3.10
N GLY A 189 -1.12 -22.13 2.56
CA GLY A 189 -0.62 -21.92 1.21
C GLY A 189 0.59 -21.02 1.20
N PRO A 190 1.31 -20.89 0.06
CA PRO A 190 2.55 -20.08 0.07
C PRO A 190 2.37 -18.57 0.06
N ARG A 191 3.43 -17.86 0.47
CA ARG A 191 3.51 -16.41 0.45
C ARG A 191 3.71 -15.98 -1.00
N LYS A 192 3.34 -14.73 -1.33
CA LYS A 192 3.46 -14.21 -2.69
C LYS A 192 4.67 -13.32 -2.80
N GLN A 193 5.12 -12.76 -1.67
CA GLN A 193 6.25 -11.84 -1.62
C GLN A 193 7.40 -12.39 -0.76
N PRO A 194 8.66 -12.03 -1.09
CA PRO A 194 9.81 -12.54 -0.29
C PRO A 194 9.81 -11.95 1.13
N PRO A 195 10.74 -12.34 2.04
CA PRO A 195 10.69 -11.76 3.40
C PRO A 195 10.65 -10.24 3.45
N HIS A 196 9.82 -9.71 4.35
CA HIS A 196 9.70 -8.28 4.59
C HIS A 196 10.88 -7.84 5.49
N GLU A 197 11.25 -6.55 5.44
CA GLU A 197 12.32 -5.97 6.24
CA GLU A 197 12.32 -5.94 6.23
C GLU A 197 12.18 -6.34 7.72
N VAL A 198 10.94 -6.33 8.25
CA VAL A 198 10.65 -6.69 9.66
C VAL A 198 11.00 -8.17 9.95
N GLU A 199 10.63 -9.08 9.02
CA GLU A 199 10.91 -10.51 9.15
C GLU A 199 12.43 -10.77 9.17
N VAL A 200 13.16 -10.08 8.27
CA VAL A 200 14.62 -10.20 8.13
C VAL A 200 15.32 -9.69 9.40
N GLU A 201 14.85 -8.54 9.95
CA GLU A 201 15.41 -7.94 11.17
C GLU A 201 15.29 -8.92 12.32
N ALA A 202 14.10 -9.56 12.49
CA ALA A 202 13.86 -10.57 13.52
C ALA A 202 14.79 -11.78 13.33
N ALA A 203 14.89 -12.29 12.08
CA ALA A 203 15.74 -13.42 11.70
C ALA A 203 17.21 -13.17 12.10
N GLU A 204 17.76 -12.00 11.73
CA GLU A 204 19.13 -11.57 12.04
C GLU A 204 19.39 -11.41 13.55
N GLN A 205 18.32 -11.32 14.35
CA GLN A 205 18.39 -11.25 15.82
C GLN A 205 18.21 -12.64 16.44
N ASN A 206 17.91 -13.68 15.60
CA ASN A 206 17.59 -15.04 16.01
C ASN A 206 16.36 -15.06 16.94
N VAL A 207 15.39 -14.18 16.65
CA VAL A 207 14.16 -14.03 17.41
CA VAL A 207 14.16 -14.10 17.41
C VAL A 207 13.02 -14.49 16.50
N SER A 208 12.21 -15.43 16.96
CA SER A 208 11.10 -15.93 16.16
C SER A 208 9.78 -15.21 16.42
N ARG A 209 9.70 -14.39 17.47
CA ARG A 209 8.47 -13.69 17.80
C ARG A 209 8.51 -12.22 17.36
N ILE A 210 7.48 -11.79 16.65
CA ILE A 210 7.41 -10.42 16.14
C ILE A 210 6.11 -9.73 16.55
N CYS A 211 6.24 -8.45 16.92
CA CYS A 211 5.12 -7.54 17.22
CA CYS A 211 5.09 -7.60 17.16
C CYS A 211 5.22 -6.31 16.36
N HIS A 212 4.15 -5.95 15.67
CA HIS A 212 4.14 -4.78 14.84
C HIS A 212 3.18 -3.78 15.50
N LYS A 213 3.61 -2.53 15.59
CA LYS A 213 2.78 -1.47 16.16
C LYS A 213 1.64 -1.16 15.18
N ILE A 214 0.43 -1.03 15.71
CA ILE A 214 -0.81 -0.68 15.00
C ILE A 214 -1.35 0.60 15.64
N TYR A 215 -1.59 1.62 14.81
CA TYR A 215 -2.08 2.92 15.26
C TYR A 215 -3.58 3.02 15.05
N PHE A 216 -4.24 3.79 15.92
CA PHE A 216 -5.69 3.98 15.85
C PHE A 216 -6.04 5.47 15.65
N PRO A 217 -7.25 5.76 15.13
CA PRO A 217 -7.66 7.17 14.91
C PRO A 217 -7.72 8.05 16.16
N ASN A 218 -7.87 7.47 17.36
CA ASN A 218 -7.93 8.21 18.63
C ASN A 218 -6.54 8.51 19.22
N ASP A 219 -5.47 8.56 18.39
CA ASP A 219 -4.08 8.83 18.79
CA ASP A 219 -4.09 8.85 18.80
C ASP A 219 -3.53 7.81 19.81
N THR A 220 -3.85 6.53 19.61
CA THR A 220 -3.32 5.46 20.48
C THR A 220 -2.69 4.40 19.60
N SER A 221 -1.94 3.49 20.22
CA SER A 221 -1.32 2.40 19.47
C SER A 221 -1.33 1.13 20.28
N GLU A 222 -1.18 -0.01 19.59
CA GLU A 222 -1.09 -1.32 20.24
C GLU A 222 -0.04 -2.14 19.50
N MET A 223 0.63 -3.01 20.25
CA MET A 223 1.60 -3.94 19.64
C MET A 223 0.86 -5.23 19.29
N LEU A 224 0.87 -5.63 18.01
CA LEU A 224 0.14 -6.82 17.58
C LEU A 224 1.11 -7.91 17.11
N GLU A 225 0.96 -9.13 17.69
CA GLU A 225 1.80 -10.30 17.38
C GLU A 225 1.50 -10.75 15.95
N VAL A 226 2.55 -10.85 15.14
CA VAL A 226 2.42 -11.29 13.74
C VAL A 226 3.46 -12.36 13.40
N VAL A 227 3.10 -13.28 12.49
CA VAL A 227 4.00 -14.32 11.99
C VAL A 227 3.95 -14.28 10.46
N ALA A 228 4.85 -15.02 9.80
CA ALA A 228 4.98 -15.11 8.34
C ALA A 228 3.67 -15.35 7.61
N ASN A 229 2.80 -16.24 8.13
CA ASN A 229 1.52 -16.57 7.51
C ASN A 229 0.31 -15.81 8.09
N THR A 230 0.55 -14.75 8.89
CA THR A 230 -0.54 -13.91 9.41
C THR A 230 -1.22 -13.20 8.23
N ARG A 231 -2.56 -13.27 8.17
CA ARG A 231 -3.31 -12.55 7.14
C ARG A 231 -3.83 -11.25 7.78
N VAL A 232 -4.07 -10.22 6.98
CA VAL A 232 -4.59 -8.92 7.41
C VAL A 232 -5.84 -9.13 8.31
N ARG A 233 -6.77 -10.02 7.91
CA ARG A 233 -7.97 -10.33 8.71
C ARG A 233 -7.65 -10.88 10.12
N ASP A 234 -6.57 -11.69 10.28
CA ASP A 234 -6.14 -12.25 11.57
C ASP A 234 -5.73 -11.11 12.52
N VAL A 235 -5.02 -10.09 11.99
CA VAL A 235 -4.61 -8.94 12.79
C VAL A 235 -5.88 -8.21 13.25
N CYS A 236 -6.83 -8.01 12.33
CA CYS A 236 -8.11 -7.34 12.63
C CYS A 236 -8.94 -8.09 13.70
N ASP A 237 -8.96 -9.43 13.63
CA ASP A 237 -9.64 -10.30 14.60
C ASP A 237 -9.04 -10.07 15.98
N SER A 238 -7.67 -10.03 16.07
CA SER A 238 -6.95 -9.82 17.33
C SER A 238 -7.21 -8.40 17.85
N ILE A 239 -7.23 -7.38 16.96
CA ILE A 239 -7.56 -5.99 17.32
C ILE A 239 -9.00 -5.88 17.89
N ALA A 240 -10.01 -6.48 17.22
CA ALA A 240 -11.40 -6.45 17.70
C ALA A 240 -11.50 -7.01 19.14
N THR A 241 -10.76 -8.08 19.45
CA THR A 241 -10.76 -8.67 20.81
C THR A 241 -10.08 -7.73 21.80
N ARG A 242 -8.92 -7.19 21.39
CA ARG A 242 -8.09 -6.28 22.18
C ARG A 242 -8.87 -4.99 22.53
N LEU A 243 -9.60 -4.43 21.54
CA LEU A 243 -10.40 -3.21 21.74
C LEU A 243 -11.81 -3.43 22.25
N GLN A 244 -12.20 -4.70 22.41
CA GLN A 244 -13.52 -5.15 22.88
C GLN A 244 -14.61 -4.59 21.97
N LEU A 245 -14.39 -4.71 20.64
CA LEU A 245 -15.32 -4.27 19.60
C LEU A 245 -16.35 -5.41 19.43
N ALA A 246 -17.61 -5.07 19.17
CA ALA A 246 -18.66 -6.06 18.95
C ALA A 246 -18.49 -6.73 17.57
N SER A 247 -17.82 -6.02 16.62
CA SER A 247 -17.58 -6.49 15.26
C SER A 247 -16.51 -5.61 14.59
N TRP A 248 -15.79 -6.13 13.59
CA TRP A 248 -14.84 -5.30 12.81
C TRP A 248 -15.28 -5.27 11.34
N GLU A 249 -16.51 -5.72 11.04
CA GLU A 249 -17.03 -5.71 9.68
CA GLU A 249 -17.06 -5.70 9.69
C GLU A 249 -16.94 -4.29 9.11
N GLY A 250 -16.32 -4.17 7.94
CA GLY A 250 -16.13 -2.88 7.30
C GLY A 250 -14.87 -2.15 7.75
N CYS A 251 -14.10 -2.72 8.69
CA CYS A 251 -12.82 -2.14 9.13
C CYS A 251 -11.70 -2.90 8.41
N SER A 252 -10.48 -2.34 8.37
CA SER A 252 -9.29 -3.01 7.84
C SER A 252 -8.07 -2.29 8.35
N LEU A 253 -6.90 -2.82 7.98
CA LEU A 253 -5.61 -2.22 8.24
C LEU A 253 -5.34 -1.33 7.03
N PHE A 254 -4.53 -0.29 7.26
CA PHE A 254 -4.20 0.68 6.23
C PHE A 254 -2.75 0.97 6.42
N ILE A 255 -2.01 1.26 5.33
CA ILE A 255 -0.61 1.65 5.40
C ILE A 255 -0.53 3.14 5.09
N LYS A 256 0.00 3.92 6.03
CA LYS A 256 0.26 5.35 5.84
C LYS A 256 1.72 5.37 5.38
N ILE A 257 1.95 5.66 4.10
CA ILE A 257 3.26 5.63 3.44
C ILE A 257 3.36 6.77 2.43
N SER A 258 4.54 7.46 2.36
CA SER A 258 4.79 8.63 1.51
C SER A 258 3.70 9.66 1.93
N ASP A 259 2.84 10.15 1.03
CA ASP A 259 1.77 11.02 1.54
C ASP A 259 0.39 10.38 1.27
N LYS A 260 0.36 9.05 1.43
CA LYS A 260 -0.80 8.20 1.15
C LYS A 260 -1.26 7.39 2.34
N VAL A 261 -2.56 7.04 2.35
CA VAL A 261 -3.18 6.13 3.32
C VAL A 261 -3.92 5.12 2.43
N ILE A 262 -3.38 3.89 2.34
CA ILE A 262 -3.85 2.85 1.45
C ILE A 262 -4.40 1.68 2.26
N SER A 263 -5.61 1.20 1.91
CA SER A 263 -6.16 0.04 2.62
C SER A 263 -5.45 -1.25 2.25
N GLN A 264 -5.41 -2.16 3.19
CA GLN A 264 -4.82 -3.48 2.98
C GLN A 264 -5.95 -4.48 2.75
N LYS A 265 -5.73 -5.41 1.82
CA LYS A 265 -6.68 -6.47 1.48
C LYS A 265 -6.76 -7.45 2.65
N GLU A 266 -7.97 -7.69 3.16
CA GLU A 266 -8.24 -8.57 4.31
C GLU A 266 -7.73 -10.02 4.15
N GLY A 267 -7.83 -10.56 2.94
CA GLY A 267 -7.42 -11.93 2.64
C GLY A 267 -5.96 -12.10 2.32
N ASP A 268 -5.20 -11.00 2.20
CA ASP A 268 -3.77 -11.03 1.89
C ASP A 268 -2.93 -11.33 3.14
N PHE A 269 -1.73 -11.91 2.95
CA PHE A 269 -0.80 -12.11 4.07
C PHE A 269 -0.27 -10.72 4.40
N PHE A 270 -0.22 -10.39 5.69
CA PHE A 270 0.21 -9.09 6.18
C PHE A 270 1.55 -8.62 5.58
N PHE A 271 2.59 -9.49 5.59
CA PHE A 271 3.89 -9.14 5.06
C PHE A 271 3.92 -9.06 3.54
N ASP A 272 2.99 -9.77 2.85
CA ASP A 272 2.86 -9.66 1.40
C ASP A 272 2.27 -8.29 1.08
N SER A 273 1.22 -7.89 1.83
CA SER A 273 0.54 -6.61 1.65
C SER A 273 1.50 -5.42 1.84
N LEU A 274 2.34 -5.44 2.92
CA LEU A 274 3.32 -4.38 3.15
C LEU A 274 4.26 -4.20 1.99
N ARG A 275 4.83 -5.31 1.46
CA ARG A 275 5.75 -5.26 0.33
C ARG A 275 5.06 -4.78 -0.98
N GLU A 276 3.89 -5.33 -1.31
CA GLU A 276 3.12 -4.99 -2.51
C GLU A 276 2.77 -3.49 -2.58
N VAL A 277 2.34 -2.91 -1.44
CA VAL A 277 1.98 -1.49 -1.35
C VAL A 277 3.23 -0.62 -1.47
N SER A 278 4.32 -0.99 -0.74
CA SER A 278 5.62 -0.30 -0.81
C SER A 278 6.17 -0.30 -2.24
N ASP A 279 6.02 -1.44 -2.97
CA ASP A 279 6.44 -1.59 -4.36
C ASP A 279 5.59 -0.68 -5.25
N TRP A 280 4.24 -0.70 -5.06
CA TRP A 280 3.27 0.12 -5.79
C TRP A 280 3.57 1.60 -5.61
N VAL A 281 3.87 2.05 -4.37
CA VAL A 281 4.23 3.42 -4.03
C VAL A 281 5.52 3.85 -4.77
N LYS A 282 6.52 2.94 -4.88
CA LYS A 282 7.80 3.19 -5.55
C LYS A 282 7.65 3.45 -7.07
N LYS A 283 6.82 2.66 -7.76
CA LYS A 283 6.59 2.84 -9.19
C LYS A 283 5.61 4.02 -9.48
N ASN A 284 4.57 4.21 -8.65
CA ASN A 284 3.60 5.29 -8.86
C ASN A 284 4.08 6.66 -8.33
N LYS A 285 5.06 6.69 -7.41
CA LYS A 285 5.61 7.92 -6.81
C LYS A 285 7.10 7.70 -6.43
N PRO A 286 8.05 7.80 -7.39
CA PRO A 286 9.46 7.59 -7.06
C PRO A 286 10.16 8.82 -6.48
N VAL A 293 16.27 2.08 -1.06
CA VAL A 293 15.91 2.32 0.34
C VAL A 293 14.49 1.80 0.64
N THR A 294 14.26 1.42 1.90
CA THR A 294 12.97 0.95 2.42
C THR A 294 12.24 2.18 2.96
N LEU A 295 11.02 2.43 2.46
CA LEU A 295 10.24 3.60 2.86
C LEU A 295 9.67 3.50 4.27
N PRO A 296 9.72 4.58 5.09
CA PRO A 296 9.06 4.51 6.40
C PRO A 296 7.53 4.43 6.23
N TYR A 297 6.86 3.79 7.19
CA TYR A 297 5.40 3.65 7.11
C TYR A 297 4.83 3.49 8.49
N GLN A 298 3.49 3.61 8.58
CA GLN A 298 2.72 3.35 9.79
C GLN A 298 1.56 2.47 9.38
N VAL A 299 1.13 1.60 10.27
CA VAL A 299 -0.01 0.74 10.01
C VAL A 299 -1.11 1.21 10.93
N TYR A 300 -2.28 1.49 10.34
CA TYR A 300 -3.45 1.94 11.07
C TYR A 300 -4.57 0.91 10.99
N PHE A 301 -5.39 0.82 12.03
CA PHE A 301 -6.62 0.05 12.00
C PHE A 301 -7.78 1.08 12.05
N MET A 302 -8.64 1.11 11.01
CA MET A 302 -9.74 2.12 10.96
C MET A 302 -10.94 1.55 10.29
N ARG A 303 -12.07 2.29 10.34
CA ARG A 303 -13.26 1.89 9.58
C ARG A 303 -13.03 2.34 8.12
N LYS A 304 -13.35 1.45 7.17
CA LYS A 304 -13.25 1.64 5.73
C LYS A 304 -14.64 1.81 5.14
N LEU A 305 -15.55 0.85 5.40
CA LEU A 305 -16.92 0.91 4.90
C LEU A 305 -17.88 1.29 6.02
N TRP A 306 -18.70 2.30 5.75
CA TRP A 306 -19.65 2.83 6.71
C TRP A 306 -21.05 2.37 6.31
N LEU A 307 -21.31 1.10 6.56
CA LEU A 307 -22.57 0.43 6.25
C LEU A 307 -23.20 -0.02 7.56
N ASN A 308 -24.48 0.36 7.77
CA ASN A 308 -25.27 0.05 8.97
C ASN A 308 -24.62 0.59 10.26
N ILE A 309 -24.08 1.82 10.21
CA ILE A 309 -23.45 2.39 11.39
C ILE A 309 -24.50 3.06 12.26
N SER A 310 -24.76 2.48 13.41
CA SER A 310 -25.74 2.96 14.37
C SER A 310 -25.00 3.41 15.62
N PRO A 311 -24.73 4.74 15.79
CA PRO A 311 -24.01 5.20 16.99
C PRO A 311 -24.72 4.75 18.26
N GLY A 312 -23.96 4.24 19.22
CA GLY A 312 -24.50 3.71 20.47
C GLY A 312 -24.56 2.20 20.51
N LYS A 313 -24.67 1.54 19.31
CA LYS A 313 -24.71 0.07 19.21
C LYS A 313 -23.39 -0.56 19.67
N ASP A 314 -22.24 -0.02 19.21
CA ASP A 314 -20.92 -0.47 19.64
C ASP A 314 -20.17 0.76 20.11
N VAL A 315 -20.24 1.03 21.42
CA VAL A 315 -19.65 2.23 22.04
C VAL A 315 -18.13 2.26 21.88
N ASN A 316 -17.42 1.11 22.11
CA ASN A 316 -15.97 1.04 21.91
C ASN A 316 -15.62 1.42 20.47
N ALA A 317 -16.35 0.90 19.48
CA ALA A 317 -16.10 1.28 18.07
C ALA A 317 -16.36 2.80 17.86
N ASP A 318 -17.45 3.34 18.45
CA ASP A 318 -17.74 4.76 18.32
C ASP A 318 -16.66 5.66 18.93
N THR A 319 -16.20 5.33 20.14
CA THR A 319 -15.27 6.24 20.84
C THR A 319 -13.81 6.07 20.42
N ILE A 320 -13.45 4.90 19.87
CA ILE A 320 -12.05 4.68 19.42
C ILE A 320 -11.90 5.05 17.96
N LEU A 321 -12.83 4.59 17.12
CA LEU A 321 -12.78 4.78 15.67
C LEU A 321 -13.69 5.87 15.12
N HIS A 322 -14.98 5.68 15.24
CA HIS A 322 -15.99 6.48 14.52
C HIS A 322 -15.91 7.95 14.79
N TYR A 323 -15.88 8.35 16.07
CA TYR A 323 -15.82 9.78 16.44
C TYR A 323 -14.56 10.42 15.85
N HIS A 324 -13.40 9.77 16.04
CA HIS A 324 -12.10 10.28 15.63
C HIS A 324 -11.88 10.27 14.13
N GLN A 325 -12.64 9.49 13.40
CA GLN A 325 -12.55 9.52 11.93
C GLN A 325 -13.52 10.59 11.39
N GLU A 326 -14.73 10.66 11.97
CA GLU A 326 -15.74 11.65 11.52
C GLU A 326 -15.38 13.11 11.88
N LEU A 327 -14.77 13.33 13.07
CA LEU A 327 -14.42 14.68 13.56
C LEU A 327 -13.55 15.50 12.56
N PRO A 328 -12.37 15.02 12.05
CA PRO A 328 -11.60 15.86 11.11
C PRO A 328 -12.31 16.10 9.79
N LYS A 329 -13.19 15.18 9.33
CA LYS A 329 -13.95 15.41 8.09
C LYS A 329 -14.94 16.58 8.32
N TYR A 330 -15.55 16.62 9.53
CA TYR A 330 -16.47 17.69 9.96
C TYR A 330 -15.74 19.03 10.01
N LEU A 331 -14.55 19.05 10.65
CA LEU A 331 -13.78 20.28 10.84
C LEU A 331 -13.27 20.87 9.52
N ARG A 332 -13.09 20.03 8.49
CA ARG A 332 -12.68 20.47 7.16
C ARG A 332 -13.81 21.22 6.44
N GLY A 333 -15.03 21.12 6.98
CA GLY A 333 -16.18 21.79 6.43
C GLY A 333 -16.73 21.09 5.21
N PHE A 334 -16.75 19.74 5.21
CA PHE A 334 -17.31 19.00 4.06
C PHE A 334 -18.85 18.90 4.07
N HIS A 335 -19.49 19.09 5.23
CA HIS A 335 -20.94 18.98 5.34
C HIS A 335 -21.61 20.34 5.24
N LYS A 336 -22.93 20.35 4.89
CA LYS A 336 -23.69 21.58 4.89
C LYS A 336 -24.22 21.75 6.32
N CYS A 337 -23.73 22.76 7.06
CA CYS A 337 -24.34 22.94 8.36
CA CYS A 337 -24.10 23.01 8.47
C CYS A 337 -24.44 24.43 8.75
N SER A 338 -25.43 24.70 9.58
CA SER A 338 -25.75 26.06 9.96
C SER A 338 -24.89 26.50 11.14
N ARG A 339 -24.97 27.79 11.46
CA ARG A 339 -24.31 28.41 12.62
C ARG A 339 -24.73 27.69 13.91
N GLU A 340 -26.04 27.45 14.08
CA GLU A 340 -26.62 26.77 15.24
C GLU A 340 -26.16 25.32 15.33
N ASP A 341 -26.07 24.63 14.16
CA ASP A 341 -25.53 23.24 14.13
C ASP A 341 -24.06 23.26 14.68
N ALA A 342 -23.26 24.21 14.19
CA ALA A 342 -21.85 24.30 14.61
C ALA A 342 -21.70 24.61 16.09
N ILE A 343 -22.55 25.47 16.65
CA ILE A 343 -22.48 25.83 18.09
C ILE A 343 -22.77 24.57 18.91
N HIS A 344 -23.86 23.87 18.55
CA HIS A 344 -24.29 22.64 19.22
C HIS A 344 -23.19 21.55 19.17
N LEU A 345 -22.63 21.29 17.98
CA LEU A 345 -21.60 20.26 17.85
C LEU A 345 -20.29 20.67 18.51
N ALA A 346 -19.95 21.97 18.49
CA ALA A 346 -18.73 22.48 19.14
C ALA A 346 -18.77 22.23 20.67
N GLY A 347 -19.96 22.30 21.27
CA GLY A 347 -20.16 22.01 22.70
C GLY A 347 -19.82 20.56 23.02
N LEU A 348 -20.26 19.64 22.14
CA LEU A 348 -20.01 18.20 22.28
C LEU A 348 -18.55 17.86 22.04
N ILE A 349 -17.94 18.48 21.02
CA ILE A 349 -16.53 18.31 20.65
C ILE A 349 -15.66 18.80 21.81
N TYR A 350 -15.97 19.98 22.37
CA TYR A 350 -15.20 20.52 23.50
C TYR A 350 -15.22 19.54 24.67
N LYS A 351 -16.40 19.00 24.98
CA LYS A 351 -16.60 18.03 26.05
C LYS A 351 -15.80 16.74 25.77
N ALA A 352 -15.87 16.23 24.51
CA ALA A 352 -15.14 15.00 24.13
C ALA A 352 -13.63 15.14 24.29
N GLN A 353 -13.08 16.33 23.97
CA GLN A 353 -11.63 16.58 24.06
C GLN A 353 -11.13 17.01 25.42
N PHE A 354 -11.89 17.86 26.11
CA PHE A 354 -11.38 18.44 27.36
C PHE A 354 -12.07 17.97 28.62
N ASN A 355 -13.15 17.15 28.49
CA ASN A 355 -13.92 16.64 29.63
C ASN A 355 -14.45 17.81 30.49
N ASN A 356 -13.98 17.98 31.75
CA ASN A 356 -14.43 19.03 32.69
C ASN A 356 -13.60 20.30 32.63
N ASP A 357 -12.49 20.30 31.86
CA ASP A 357 -11.59 21.46 31.82
C ASP A 357 -12.16 22.60 30.99
N ARG A 358 -12.74 23.61 31.67
CA ARG A 358 -13.37 24.79 31.04
C ARG A 358 -12.38 25.90 30.65
N SER A 359 -11.08 25.75 30.96
CA SER A 359 -10.08 26.80 30.72
C SER A 359 -9.38 26.75 29.36
N GLN A 360 -9.73 25.78 28.52
CA GLN A 360 -9.07 25.62 27.23
C GLN A 360 -9.55 26.59 26.15
N LEU A 361 -10.70 27.27 26.34
CA LEU A 361 -11.15 28.28 25.36
C LEU A 361 -10.58 29.69 25.68
N ALA A 362 -9.60 29.80 26.61
CA ALA A 362 -8.94 31.06 27.03
C ALA A 362 -8.38 31.84 25.83
N SER A 363 -7.73 31.13 24.89
CA SER A 363 -7.22 31.72 23.65
C SER A 363 -8.02 31.08 22.53
N VAL A 364 -8.93 31.85 21.95
CA VAL A 364 -9.84 31.41 20.89
C VAL A 364 -9.05 31.08 19.58
N PRO A 365 -8.06 31.89 19.11
CA PRO A 365 -7.33 31.51 17.87
C PRO A 365 -6.56 30.18 18.00
N LYS A 366 -6.08 29.82 19.21
CA LYS A 366 -5.33 28.57 19.40
C LYS A 366 -6.22 27.31 19.38
N ILE A 367 -7.57 27.47 19.51
CA ILE A 367 -8.44 26.30 19.65
C ILE A 367 -9.65 26.23 18.71
N LEU A 368 -10.16 27.38 18.21
CA LEU A 368 -11.37 27.41 17.39
C LEU A 368 -11.36 26.45 16.20
N ARG A 369 -10.19 26.21 15.57
CA ARG A 369 -10.09 25.30 14.43
C ARG A 369 -10.30 23.84 14.79
N GLU A 370 -10.22 23.52 16.10
CA GLU A 370 -10.46 22.17 16.58
C GLU A 370 -11.94 21.94 16.95
N LEU A 371 -12.77 23.01 16.93
CA LEU A 371 -14.16 22.98 17.39
C LEU A 371 -15.21 23.27 16.34
N VAL A 372 -14.85 24.09 15.34
CA VAL A 372 -15.80 24.62 14.37
C VAL A 372 -15.30 24.38 12.94
N PRO A 373 -16.20 23.95 12.01
CA PRO A 373 -15.77 23.74 10.61
C PRO A 373 -15.11 24.99 10.02
N GLU A 374 -14.03 24.81 9.27
CA GLU A 374 -13.27 25.95 8.72
C GLU A 374 -14.06 26.90 7.82
N ASN A 375 -15.13 26.44 7.15
CA ASN A 375 -15.94 27.32 6.29
C ASN A 375 -16.87 28.22 7.14
N LEU A 376 -17.03 27.95 8.47
CA LEU A 376 -17.97 28.68 9.33
C LEU A 376 -17.36 29.62 10.36
N THR A 377 -16.07 29.53 10.63
CA THR A 377 -15.41 30.37 11.64
C THR A 377 -15.64 31.89 11.45
N ARG A 378 -15.74 32.36 10.19
CA ARG A 378 -15.98 33.77 9.83
C ARG A 378 -17.40 34.28 10.22
N LEU A 379 -18.35 33.35 10.54
CA LEU A 379 -19.74 33.72 10.85
C LEU A 379 -19.90 34.63 12.06
N MET A 380 -18.99 34.53 13.03
CA MET A 380 -19.01 35.38 14.23
CA MET A 380 -19.03 35.37 14.22
C MET A 380 -17.63 35.60 14.76
N SER A 381 -17.49 36.60 15.63
CA SER A 381 -16.23 36.97 16.27
C SER A 381 -15.75 35.91 17.26
N SER A 382 -14.50 36.05 17.72
CA SER A 382 -13.86 35.08 18.61
C SER A 382 -14.61 34.96 19.96
N GLU A 383 -15.03 36.09 20.54
CA GLU A 383 -15.73 36.13 21.83
C GLU A 383 -17.16 35.58 21.72
N GLU A 384 -17.80 35.80 20.58
CA GLU A 384 -19.14 35.28 20.29
C GLU A 384 -19.09 33.76 20.16
N TRP A 385 -18.06 33.22 19.47
CA TRP A 385 -17.85 31.77 19.39
C TRP A 385 -17.60 31.23 20.78
N LYS A 386 -16.64 31.82 21.53
CA LYS A 386 -16.29 31.40 22.89
C LYS A 386 -17.55 31.34 23.79
N LYS A 387 -18.35 32.43 23.81
CA LYS A 387 -19.58 32.52 24.62
C LYS A 387 -20.64 31.44 24.25
N SER A 388 -20.90 31.25 22.95
CA SER A 388 -21.89 30.32 22.42
C SER A 388 -21.46 28.89 22.66
N ILE A 389 -20.15 28.61 22.47
CA ILE A 389 -19.61 27.27 22.72
C ILE A 389 -19.66 26.94 24.20
N LEU A 390 -19.25 27.88 25.06
CA LEU A 390 -19.28 27.63 26.51
C LEU A 390 -20.69 27.34 27.02
N LEU A 391 -21.71 28.11 26.54
CA LEU A 391 -23.11 27.90 26.91
CA LEU A 391 -23.12 27.90 26.90
C LEU A 391 -23.55 26.48 26.50
N ALA A 392 -23.22 26.05 25.25
CA ALA A 392 -23.52 24.73 24.73
C ALA A 392 -22.82 23.64 25.56
N TYR A 393 -21.49 23.81 25.79
CA TYR A 393 -20.66 22.86 26.54
C TYR A 393 -21.19 22.62 27.96
N ASP A 394 -21.66 23.68 28.61
CA ASP A 394 -22.18 23.62 30.00
C ASP A 394 -23.39 22.67 30.17
N LYS A 395 -24.06 22.33 29.06
CA LYS A 395 -25.16 21.35 29.09
C LYS A 395 -24.68 19.90 29.22
N HIS A 396 -23.36 19.66 29.15
CA HIS A 396 -22.80 18.30 29.18
C HIS A 396 -22.08 17.95 30.46
N LYS A 397 -22.32 18.74 31.53
CA LYS A 397 -21.70 18.53 32.84
C LYS A 397 -21.92 17.10 33.39
N ASP A 398 -23.10 16.50 33.14
CA ASP A 398 -23.46 15.15 33.62
C ASP A 398 -23.04 14.05 32.64
N LYS A 399 -22.54 14.42 31.46
CA LYS A 399 -22.11 13.42 30.49
C LYS A 399 -20.68 13.01 30.71
N THR A 400 -20.33 11.81 30.27
CA THR A 400 -18.95 11.35 30.24
C THR A 400 -18.42 11.75 28.84
N VAL A 401 -17.09 11.64 28.65
CA VAL A 401 -16.42 11.86 27.37
C VAL A 401 -17.00 10.94 26.26
N GLU A 402 -17.20 9.64 26.61
CA GLU A 402 -17.73 8.60 25.72
C GLU A 402 -19.15 8.97 25.27
N GLU A 403 -19.97 9.48 26.21
CA GLU A 403 -21.34 9.90 25.93
C GLU A 403 -21.38 11.11 24.99
N ALA A 404 -20.42 12.04 25.14
CA ALA A 404 -20.32 13.20 24.24
C ALA A 404 -19.98 12.75 22.80
N LYS A 405 -19.05 11.78 22.68
CA LYS A 405 -18.63 11.27 21.37
C LYS A 405 -19.80 10.58 20.64
N VAL A 406 -20.57 9.78 21.40
CA VAL A 406 -21.75 9.08 20.86
C VAL A 406 -22.86 10.10 20.46
N ALA A 407 -23.11 11.13 21.31
CA ALA A 407 -24.09 12.19 21.01
C ALA A 407 -23.69 12.93 19.72
N PHE A 408 -22.37 13.22 19.57
CA PHE A 408 -21.86 13.86 18.36
C PHE A 408 -22.28 13.04 17.11
N LEU A 409 -21.96 11.73 17.13
CA LEU A 409 -22.24 10.78 16.04
C LEU A 409 -23.73 10.61 15.77
N LYS A 410 -24.53 10.46 16.83
CA LYS A 410 -25.99 10.33 16.67
C LYS A 410 -26.58 11.56 15.98
N TRP A 411 -26.06 12.75 16.29
CA TRP A 411 -26.59 13.98 15.69
C TRP A 411 -26.22 14.11 14.20
N ILE A 412 -25.17 13.46 13.73
CA ILE A 412 -24.75 13.63 12.32
C ILE A 412 -24.94 12.37 11.48
N CYS A 413 -25.22 11.22 12.10
CA CYS A 413 -25.22 9.92 11.41
C CYS A 413 -26.24 9.81 10.27
N ARG A 414 -27.33 10.63 10.26
CA ARG A 414 -28.31 10.55 9.18
CA ARG A 414 -28.33 10.57 9.20
C ARG A 414 -28.01 11.53 8.04
N TRP A 415 -26.95 12.34 8.19
CA TRP A 415 -26.56 13.27 7.12
C TRP A 415 -26.14 12.44 5.90
N PRO A 416 -26.52 12.83 4.66
CA PRO A 416 -26.09 12.02 3.49
C PRO A 416 -24.58 11.98 3.27
N THR A 417 -23.85 12.93 3.88
CA THR A 417 -22.38 12.97 3.76
C THR A 417 -21.70 12.31 4.97
N PHE A 418 -22.48 11.79 5.94
CA PHE A 418 -21.88 11.07 7.09
C PHE A 418 -21.20 9.77 6.55
N GLY A 419 -20.16 9.29 7.25
CA GLY A 419 -19.48 8.04 6.90
C GLY A 419 -19.03 7.95 5.46
N SER A 420 -18.25 8.93 5.04
CA SER A 420 -17.78 9.07 3.66
C SER A 420 -16.30 9.22 3.56
N ALA A 421 -15.77 8.88 2.38
CA ALA A 421 -14.39 9.22 2.06
C ALA A 421 -14.56 10.42 1.13
N PHE A 422 -13.70 11.42 1.27
CA PHE A 422 -13.83 12.64 0.47
C PHE A 422 -12.67 12.85 -0.49
N PHE A 423 -12.97 13.48 -1.64
CA PHE A 423 -11.98 13.73 -2.68
C PHE A 423 -12.26 15.10 -3.30
N GLU A 424 -11.24 15.95 -3.42
CA GLU A 424 -11.42 17.24 -4.08
C GLU A 424 -10.81 17.03 -5.43
N VAL A 425 -11.58 17.31 -6.49
CA VAL A 425 -11.14 17.02 -7.85
C VAL A 425 -11.41 18.16 -8.82
N LYS A 426 -10.81 18.10 -10.02
CA LYS A 426 -11.16 19.06 -11.05
C LYS A 426 -12.01 18.27 -12.08
N GLN A 427 -13.33 18.47 -12.07
CA GLN A 427 -14.21 17.77 -13.01
C GLN A 427 -14.16 18.44 -14.37
N THR A 428 -14.18 17.66 -15.46
CA THR A 428 -14.13 18.22 -16.83
C THR A 428 -15.32 17.78 -17.68
N SER A 429 -16.35 17.16 -17.09
CA SER A 429 -17.50 16.61 -17.79
C SER A 429 -18.82 17.43 -17.68
N GLU A 430 -18.91 18.35 -16.71
CA GLU A 430 -20.14 19.12 -16.51
C GLU A 430 -19.93 20.65 -16.48
N PRO A 431 -20.16 21.35 -17.63
CA PRO A 431 -20.01 22.83 -17.64
C PRO A 431 -20.88 23.60 -16.63
N SER A 432 -22.05 23.06 -16.25
CA SER A 432 -22.97 23.67 -15.29
C SER A 432 -22.41 23.67 -13.85
N TYR A 433 -21.41 22.79 -13.56
CA TYR A 433 -20.83 22.72 -12.22
C TYR A 433 -19.55 23.54 -12.14
N PRO A 434 -19.07 23.97 -10.94
CA PRO A 434 -17.76 24.64 -10.90
C PRO A 434 -16.64 23.66 -11.32
N ASP A 435 -15.46 24.18 -11.76
CA ASP A 435 -14.32 23.35 -12.18
C ASP A 435 -13.95 22.38 -11.06
N VAL A 436 -13.79 22.90 -9.82
CA VAL A 436 -13.42 22.12 -8.65
C VAL A 436 -14.67 21.72 -7.88
N ILE A 437 -14.82 20.42 -7.61
CA ILE A 437 -15.94 19.88 -6.86
C ILE A 437 -15.43 18.93 -5.79
N LEU A 438 -16.28 18.67 -4.81
CA LEU A 438 -15.99 17.76 -3.72
C LEU A 438 -16.77 16.48 -4.03
N ILE A 439 -16.12 15.33 -3.86
CA ILE A 439 -16.75 14.03 -4.08
C ILE A 439 -16.77 13.26 -2.78
N ALA A 440 -17.94 12.68 -2.46
CA ALA A 440 -18.09 11.82 -1.29
C ALA A 440 -18.44 10.42 -1.76
N ILE A 441 -17.72 9.40 -1.26
CA ILE A 441 -18.04 8.00 -1.59
C ILE A 441 -18.51 7.34 -0.28
N ASN A 442 -19.75 6.83 -0.26
CA ASN A 442 -20.28 6.25 0.96
C ASN A 442 -21.34 5.21 0.63
N ARG A 443 -22.16 4.83 1.64
CA ARG A 443 -23.29 3.88 1.53
C ARG A 443 -24.27 4.22 0.37
N HIS A 444 -24.52 5.52 0.10
CA HIS A 444 -25.47 6.01 -0.92
C HIS A 444 -24.90 6.02 -2.35
N GLY A 445 -23.62 5.67 -2.50
CA GLY A 445 -22.93 5.70 -3.78
C GLY A 445 -21.97 6.86 -3.88
N VAL A 446 -22.01 7.57 -5.00
CA VAL A 446 -21.09 8.68 -5.22
C VAL A 446 -21.87 10.01 -5.14
N LEU A 447 -21.41 10.93 -4.27
CA LEU A 447 -22.05 12.23 -4.07
C LEU A 447 -21.16 13.35 -4.60
N LEU A 448 -21.75 14.28 -5.38
CA LEU A 448 -21.05 15.44 -5.96
C LEU A 448 -21.50 16.67 -5.18
N ILE A 449 -20.56 17.36 -4.55
CA ILE A 449 -20.83 18.48 -3.66
C ILE A 449 -20.19 19.77 -4.14
N HIS A 450 -20.96 20.87 -4.06
CA HIS A 450 -20.49 22.23 -4.37
C HIS A 450 -19.55 22.66 -3.22
N PRO A 451 -18.26 22.95 -3.47
CA PRO A 451 -17.34 23.27 -2.35
C PRO A 451 -17.64 24.58 -1.62
N LYS A 452 -18.30 25.53 -2.29
CA LYS A 452 -18.63 26.81 -1.67
C LYS A 452 -19.89 26.72 -0.80
N THR A 453 -21.00 26.20 -1.35
CA THR A 453 -22.28 26.14 -0.64
C THR A 453 -22.47 24.87 0.17
N LYS A 454 -21.70 23.80 -0.14
CA LYS A 454 -21.81 22.48 0.50
C LYS A 454 -23.08 21.75 0.07
N ASP A 455 -23.82 22.33 -0.90
CA ASP A 455 -25.00 21.64 -1.42
C ASP A 455 -24.61 20.41 -2.25
N LEU A 456 -25.51 19.42 -2.22
CA LEU A 456 -25.39 18.19 -3.01
C LEU A 456 -25.81 18.51 -4.44
N LEU A 457 -24.85 18.54 -5.37
CA LEU A 457 -25.06 18.80 -6.79
C LEU A 457 -25.90 17.66 -7.34
N THR A 458 -25.44 16.40 -7.09
CA THR A 458 -26.12 15.18 -7.52
C THR A 458 -25.63 13.96 -6.73
N THR A 459 -26.40 12.86 -6.79
CA THR A 459 -26.11 11.57 -6.19
C THR A 459 -26.15 10.49 -7.27
N TYR A 460 -25.10 9.70 -7.35
CA TYR A 460 -24.99 8.57 -8.25
C TYR A 460 -25.08 7.32 -7.38
N PRO A 461 -26.30 6.74 -7.24
CA PRO A 461 -26.45 5.53 -6.40
C PRO A 461 -25.80 4.35 -7.09
N PHE A 462 -25.34 3.38 -6.30
CA PHE A 462 -24.73 2.14 -6.77
C PHE A 462 -25.59 1.41 -7.81
N THR A 463 -26.94 1.52 -7.69
CA THR A 463 -27.90 0.90 -8.61
C THR A 463 -27.87 1.51 -10.01
N LYS A 464 -27.45 2.78 -10.11
CA LYS A 464 -27.37 3.49 -11.38
C LYS A 464 -25.98 3.43 -12.01
N ILE A 465 -24.92 3.22 -11.20
CA ILE A 465 -23.54 3.16 -11.70
C ILE A 465 -23.37 1.89 -12.53
N SER A 466 -23.05 2.05 -13.81
CA SER A 466 -22.86 0.92 -14.70
C SER A 466 -21.39 0.53 -14.75
N SER A 467 -20.48 1.52 -14.70
CA SER A 467 -19.04 1.26 -14.72
C SER A 467 -18.21 2.42 -14.19
N TRP A 468 -16.94 2.13 -13.95
CA TRP A 468 -15.95 3.11 -13.53
C TRP A 468 -14.57 2.62 -13.88
N SER A 469 -13.64 3.56 -14.01
CA SER A 469 -12.24 3.25 -14.27
C SER A 469 -11.36 4.38 -13.76
N SER A 470 -10.07 4.11 -13.65
CA SER A 470 -9.14 5.10 -13.16
C SER A 470 -7.75 4.90 -13.73
N GLY A 471 -7.01 5.99 -13.73
CA GLY A 471 -5.61 6.09 -14.10
C GLY A 471 -4.94 6.79 -12.93
N SER A 472 -3.66 7.13 -13.06
CA SER A 472 -2.90 7.83 -12.03
CA SER A 472 -2.94 7.82 -12.00
C SER A 472 -3.28 9.31 -11.98
N THR A 473 -3.91 9.82 -13.07
CA THR A 473 -4.30 11.24 -13.14
C THR A 473 -5.81 11.50 -13.28
N TYR A 474 -6.61 10.43 -13.35
CA TYR A 474 -8.04 10.64 -13.54
C TYR A 474 -8.89 9.57 -12.93
N PHE A 475 -10.19 9.85 -12.88
CA PHE A 475 -11.24 8.94 -12.47
C PHE A 475 -12.44 9.18 -13.35
N HIS A 476 -13.00 8.11 -13.90
CA HIS A 476 -14.18 8.17 -14.78
C HIS A 476 -15.28 7.25 -14.29
N MET A 477 -16.50 7.72 -14.37
CA MET A 477 -17.67 6.96 -13.94
C MET A 477 -18.79 7.10 -14.97
N ALA A 478 -19.51 6.01 -15.23
CA ALA A 478 -20.65 5.98 -16.16
C ALA A 478 -21.91 5.53 -15.43
N LEU A 479 -22.99 6.32 -15.55
CA LEU A 479 -24.31 6.07 -14.96
C LEU A 479 -25.36 6.13 -16.06
N SER A 486 -24.68 11.31 -18.56
CA SER A 486 -24.68 10.54 -17.32
C SER A 486 -23.26 9.96 -17.06
N ARG A 487 -22.23 10.80 -17.28
CA ARG A 487 -20.83 10.44 -17.12
C ARG A 487 -20.10 11.46 -16.28
N LEU A 488 -19.16 10.99 -15.46
CA LEU A 488 -18.34 11.87 -14.63
C LEU A 488 -16.88 11.62 -14.97
N LEU A 489 -16.15 12.69 -15.30
CA LEU A 489 -14.72 12.61 -15.59
C LEU A 489 -14.03 13.67 -14.74
N CYS A 490 -13.00 13.28 -14.03
CA CYS A 490 -12.30 14.25 -13.19
C CYS A 490 -10.79 13.98 -13.08
N GLU A 491 -10.06 15.05 -12.79
CA GLU A 491 -8.62 15.01 -12.57
C GLU A 491 -8.44 14.84 -11.08
N THR A 492 -7.67 13.81 -10.71
CA THR A 492 -7.39 13.38 -9.34
C THR A 492 -6.19 12.44 -9.33
N SER A 493 -5.41 12.44 -8.23
CA SER A 493 -4.31 11.49 -8.04
C SER A 493 -4.87 10.31 -7.21
N LEU A 494 -6.15 10.36 -6.85
CA LEU A 494 -6.77 9.37 -5.96
C LEU A 494 -7.81 8.44 -6.62
N GLY A 495 -7.69 8.25 -7.94
CA GLY A 495 -8.54 7.33 -8.70
C GLY A 495 -8.49 5.91 -8.16
N TYR A 496 -7.29 5.41 -7.77
CA TYR A 496 -7.08 4.05 -7.22
C TYR A 496 -7.92 3.88 -5.92
N LYS A 497 -7.99 4.94 -5.09
CA LYS A 497 -8.73 4.95 -3.82
C LYS A 497 -10.24 4.91 -4.09
N MET A 498 -10.68 5.74 -5.04
CA MET A 498 -12.08 5.83 -5.46
C MET A 498 -12.54 4.45 -5.98
N ASP A 499 -11.72 3.86 -6.87
CA ASP A 499 -11.95 2.54 -7.47
C ASP A 499 -12.07 1.46 -6.38
N ASP A 500 -11.11 1.43 -5.47
CA ASP A 500 -11.10 0.47 -4.39
C ASP A 500 -12.34 0.57 -3.49
N LEU A 501 -12.76 1.80 -3.12
CA LEU A 501 -13.96 1.98 -2.28
C LEU A 501 -15.23 1.56 -3.00
N LEU A 502 -15.37 1.94 -4.28
CA LEU A 502 -16.53 1.57 -5.08
C LEU A 502 -16.67 0.06 -5.18
N THR A 503 -15.56 -0.63 -5.46
CA THR A 503 -15.48 -2.11 -5.56
C THR A 503 -15.87 -2.73 -4.21
N SER A 504 -15.30 -2.21 -3.11
CA SER A 504 -15.53 -2.68 -1.76
C SER A 504 -16.99 -2.54 -1.34
N TYR A 505 -17.59 -1.36 -1.59
CA TYR A 505 -18.99 -1.08 -1.30
C TYR A 505 -19.91 -1.98 -2.14
N VAL A 506 -19.67 -2.08 -3.45
CA VAL A 506 -20.45 -2.94 -4.36
C VAL A 506 -20.37 -4.43 -3.93
N GLN A 507 -19.16 -4.92 -3.59
CA GLN A 507 -18.99 -6.32 -3.17
C GLN A 507 -19.74 -6.62 -1.87
N GLN A 508 -19.78 -5.64 -0.96
CA GLN A 508 -20.47 -5.79 0.31
C GLN A 508 -22.00 -5.78 0.17
N LEU A 509 -22.55 -4.88 -0.67
CA LEU A 509 -23.99 -4.75 -0.87
C LEU A 509 -24.61 -5.95 -1.59
N LEU A 510 -23.82 -6.62 -2.46
CA LEU A 510 -24.25 -7.81 -3.18
C LEU A 510 -24.07 -9.00 -2.22
N SER A 511 -25.20 -9.50 -1.67
CA SER A 511 -25.35 -10.60 -0.71
C SER A 511 -24.79 -10.29 0.69
N TYR B 11 14.66 22.02 -24.13
CA TYR B 11 13.68 23.08 -24.33
C TYR B 11 14.11 24.09 -25.39
N GLU B 12 13.11 24.77 -25.99
CA GLU B 12 13.32 25.81 -27.01
C GLU B 12 12.38 26.98 -26.75
N GLU B 13 12.95 28.18 -26.56
CA GLU B 13 12.21 29.41 -26.26
C GLU B 13 11.40 29.92 -27.46
N GLY B 14 11.96 29.78 -28.66
CA GLY B 14 11.36 30.24 -29.91
C GLY B 14 10.24 29.40 -30.49
N PHE B 15 9.77 28.39 -29.75
CA PHE B 15 8.69 27.51 -30.19
C PHE B 15 7.33 28.21 -30.09
N ASP B 16 6.57 28.19 -31.20
CA ASP B 16 5.23 28.73 -31.26
C ASP B 16 4.26 27.56 -31.56
N PRO B 17 3.38 27.18 -30.60
CA PRO B 17 2.44 26.07 -30.87
C PRO B 17 1.48 26.29 -32.04
N TYR B 18 1.10 27.57 -32.30
CA TYR B 18 0.22 27.97 -33.41
C TYR B 18 0.81 27.64 -34.78
N SER B 19 2.14 27.52 -34.86
CA SER B 19 2.81 27.14 -36.11
C SER B 19 2.70 25.64 -36.38
N MET B 20 2.38 24.83 -35.35
CA MET B 20 2.29 23.38 -35.46
C MET B 20 0.87 22.84 -35.34
N PHE B 21 0.02 23.53 -34.54
CA PHE B 21 -1.34 23.10 -34.29
C PHE B 21 -2.34 24.14 -34.71
N THR B 22 -3.58 23.71 -34.98
CA THR B 22 -4.67 24.63 -35.25
C THR B 22 -5.13 25.09 -33.86
N PRO B 23 -5.77 26.28 -33.72
CA PRO B 23 -6.18 26.74 -32.38
C PRO B 23 -7.09 25.77 -31.61
N GLU B 24 -8.01 25.07 -32.31
CA GLU B 24 -8.92 24.10 -31.69
C GLU B 24 -8.17 22.95 -30.96
N GLN B 25 -6.98 22.58 -31.47
CA GLN B 25 -6.15 21.52 -30.88
C GLN B 25 -5.43 21.97 -29.61
N ILE B 26 -5.23 23.29 -29.42
CA ILE B 26 -4.45 23.75 -28.25
C ILE B 26 -5.25 24.67 -27.31
N MET B 27 -6.54 24.88 -27.60
CA MET B 27 -7.43 25.73 -26.81
C MET B 27 -7.39 25.37 -25.32
N GLY B 28 -6.98 26.32 -24.50
CA GLY B 28 -6.87 26.12 -23.05
C GLY B 28 -5.67 25.32 -22.59
N LYS B 29 -4.68 25.10 -23.48
CA LYS B 29 -3.47 24.35 -23.14
C LYS B 29 -2.23 25.26 -23.11
N ASP B 30 -1.26 24.93 -22.23
CA ASP B 30 0.01 25.62 -22.09
C ASP B 30 1.04 24.71 -22.78
N VAL B 31 1.22 24.93 -24.10
CA VAL B 31 1.99 24.06 -24.96
C VAL B 31 3.46 24.47 -25.05
N ARG B 32 4.36 23.53 -24.72
CA ARG B 32 5.79 23.78 -24.73
C ARG B 32 6.56 22.68 -25.44
N LEU B 33 7.74 23.03 -25.97
CA LEU B 33 8.62 22.08 -26.63
C LEU B 33 9.78 21.71 -25.68
N LEU B 34 10.06 20.42 -25.54
CA LEU B 34 11.17 19.93 -24.71
C LEU B 34 12.10 19.09 -25.57
N ARG B 35 13.39 19.44 -25.56
CA ARG B 35 14.42 18.68 -26.28
C ARG B 35 15.20 17.93 -25.20
N ILE B 36 14.94 16.61 -25.06
CA ILE B 36 15.56 15.73 -24.06
C ILE B 36 16.76 14.97 -24.68
N LYS B 37 17.95 15.10 -24.06
CA LYS B 37 19.17 14.42 -24.52
C LYS B 37 19.09 12.91 -24.22
N LYS B 38 19.28 12.09 -25.27
CA LYS B 38 19.25 10.63 -25.19
C LYS B 38 20.46 10.07 -24.42
N GLU B 39 20.22 9.67 -23.15
CA GLU B 39 21.22 9.14 -22.22
C GLU B 39 20.49 8.29 -21.19
N GLY B 40 20.80 6.98 -21.17
CA GLY B 40 20.17 6.02 -20.27
C GLY B 40 18.77 5.66 -20.72
N SER B 41 17.96 5.13 -19.80
CA SER B 41 16.57 4.75 -20.10
C SER B 41 15.63 5.96 -19.82
N LEU B 42 14.65 6.21 -20.72
CA LEU B 42 13.69 7.32 -20.59
C LEU B 42 12.94 7.26 -19.26
N ASP B 43 12.43 6.06 -18.89
CA ASP B 43 11.66 5.77 -17.68
C ASP B 43 10.51 6.79 -17.46
N LEU B 44 9.75 7.02 -18.53
CA LEU B 44 8.60 7.91 -18.60
C LEU B 44 7.39 7.05 -18.91
N ALA B 45 6.49 6.88 -17.94
CA ALA B 45 5.29 6.07 -18.13
C ALA B 45 4.13 6.91 -18.65
N LEU B 46 3.30 6.31 -19.51
CA LEU B 46 2.16 7.00 -20.10
C LEU B 46 0.86 6.31 -19.76
N GLU B 47 -0.24 7.05 -19.85
CA GLU B 47 -1.61 6.56 -19.71
C GLU B 47 -2.55 7.36 -20.60
N GLY B 48 -3.79 6.92 -20.68
CA GLY B 48 -4.79 7.60 -21.48
C GLY B 48 -4.88 6.95 -22.85
N GLY B 49 -4.86 7.79 -23.86
CA GLY B 49 -5.04 7.36 -25.24
C GLY B 49 -6.41 7.76 -25.74
N VAL B 50 -6.58 7.76 -27.06
CA VAL B 50 -7.84 8.16 -27.72
C VAL B 50 -9.02 7.23 -27.31
N ASP B 51 -8.70 5.99 -26.97
CA ASP B 51 -9.56 4.88 -26.55
C ASP B 51 -10.07 5.03 -25.10
N SER B 52 -9.33 5.79 -24.29
CA SER B 52 -9.58 5.99 -22.87
C SER B 52 -10.58 7.13 -22.54
N PRO B 53 -11.09 7.19 -21.28
CA PRO B 53 -12.00 8.28 -20.90
C PRO B 53 -11.43 9.70 -21.06
N ILE B 54 -10.11 9.88 -20.95
CA ILE B 54 -9.53 11.23 -21.08
C ILE B 54 -9.25 11.67 -22.53
N GLY B 55 -9.28 10.72 -23.48
CA GLY B 55 -9.12 11.00 -24.92
C GLY B 55 -7.83 11.69 -25.33
N LYS B 56 -6.76 11.50 -24.56
CA LYS B 56 -5.44 12.11 -24.79
C LYS B 56 -4.37 11.30 -24.10
N VAL B 57 -3.10 11.52 -24.48
CA VAL B 57 -1.93 10.83 -23.94
C VAL B 57 -1.34 11.67 -22.83
N VAL B 58 -1.28 11.13 -21.60
CA VAL B 58 -0.70 11.89 -20.48
C VAL B 58 0.41 11.10 -19.77
N VAL B 59 1.29 11.82 -19.08
CA VAL B 59 2.38 11.26 -18.31
C VAL B 59 1.80 10.68 -17.01
N SER B 60 1.98 9.36 -16.78
CA SER B 60 1.48 8.65 -15.60
CA SER B 60 1.46 8.72 -15.57
C SER B 60 2.48 8.68 -14.44
N ALA B 61 3.78 8.60 -14.78
CA ALA B 61 4.89 8.59 -13.84
C ALA B 61 6.17 8.97 -14.55
N VAL B 62 7.09 9.57 -13.78
CA VAL B 62 8.44 9.95 -14.19
C VAL B 62 9.31 9.24 -13.14
N TYR B 63 10.01 8.16 -13.56
CA TYR B 63 10.82 7.36 -12.62
C TYR B 63 12.16 8.02 -12.30
N GLU B 64 12.57 7.90 -11.02
CA GLU B 64 13.77 8.46 -10.41
C GLU B 64 15.07 8.35 -11.23
N ARG B 65 15.28 7.22 -11.94
CA ARG B 65 16.46 6.93 -12.78
C ARG B 65 16.92 8.11 -13.66
N GLY B 66 15.96 8.78 -14.32
CA GLY B 66 16.28 9.94 -15.13
C GLY B 66 15.96 9.86 -16.60
N ALA B 67 16.55 10.82 -17.36
CA ALA B 67 16.41 11.18 -18.77
C ALA B 67 15.18 12.10 -18.87
N ALA B 68 14.03 11.68 -18.31
CA ALA B 68 12.83 12.50 -18.24
C ALA B 68 12.94 13.34 -16.95
N GLU B 69 13.22 12.68 -15.80
CA GLU B 69 13.41 13.29 -14.48
C GLU B 69 14.64 14.19 -14.47
N ARG B 70 15.71 13.78 -15.19
CA ARG B 70 16.99 14.52 -15.32
C ARG B 70 16.78 15.84 -16.07
N HIS B 71 15.82 15.86 -17.02
CA HIS B 71 15.48 17.05 -17.81
C HIS B 71 14.73 18.06 -16.91
N GLY B 72 13.87 17.55 -16.03
CA GLY B 72 13.08 18.32 -15.08
C GLY B 72 11.79 18.96 -15.56
N GLY B 73 11.67 19.18 -16.87
CA GLY B 73 10.53 19.86 -17.48
C GLY B 73 9.27 19.03 -17.74
N ILE B 74 9.26 17.75 -17.33
CA ILE B 74 8.10 16.88 -17.59
C ILE B 74 7.60 16.20 -16.29
N VAL B 75 6.29 16.37 -16.00
CA VAL B 75 5.72 15.81 -14.77
C VAL B 75 4.45 15.02 -15.02
N LYS B 76 4.04 14.23 -14.02
CA LYS B 76 2.80 13.46 -14.01
C LYS B 76 1.60 14.41 -14.30
N GLY B 77 0.75 14.02 -15.24
CA GLY B 77 -0.41 14.85 -15.59
C GLY B 77 -0.21 15.66 -16.84
N ASP B 78 1.05 15.92 -17.24
CA ASP B 78 1.34 16.66 -18.48
C ASP B 78 0.89 15.79 -19.64
N GLU B 79 0.39 16.41 -20.69
CA GLU B 79 -0.06 15.71 -21.88
C GLU B 79 1.03 15.65 -22.96
N ILE B 80 1.21 14.49 -23.61
CA ILE B 80 2.14 14.39 -24.74
C ILE B 80 1.32 14.68 -25.98
N MET B 81 1.67 15.75 -26.69
CA MET B 81 0.96 16.17 -27.91
C MET B 81 1.69 15.77 -29.18
N ALA B 82 3.04 15.74 -29.15
CA ALA B 82 3.84 15.36 -30.32
C ALA B 82 5.19 14.74 -29.92
N ILE B 83 5.66 13.76 -30.70
CA ILE B 83 6.95 13.08 -30.52
C ILE B 83 7.72 13.23 -31.83
N ASN B 84 8.87 13.94 -31.78
CA ASN B 84 9.72 14.25 -32.95
C ASN B 84 8.92 14.82 -34.15
N GLY B 85 8.01 15.76 -33.87
CA GLY B 85 7.19 16.42 -34.89
C GLY B 85 5.90 15.73 -35.30
N LYS B 86 5.72 14.45 -34.90
CA LYS B 86 4.50 13.70 -35.22
C LYS B 86 3.47 13.91 -34.11
N ILE B 87 2.25 14.38 -34.48
CA ILE B 87 1.15 14.63 -33.54
C ILE B 87 0.57 13.29 -33.07
N VAL B 88 0.55 13.10 -31.72
CA VAL B 88 0.09 11.85 -31.10
CA VAL B 88 0.10 11.86 -31.09
CA VAL B 88 0.15 11.88 -31.02
C VAL B 88 -1.22 12.02 -30.30
N THR B 89 -1.86 13.21 -30.37
CA THR B 89 -3.13 13.49 -29.67
C THR B 89 -4.27 12.48 -29.99
N ASP B 90 -4.27 11.85 -31.17
CA ASP B 90 -5.27 10.87 -31.57
C ASP B 90 -4.81 9.40 -31.51
N TYR B 91 -3.69 9.16 -30.82
CA TYR B 91 -3.13 7.81 -30.69
C TYR B 91 -3.70 7.06 -29.51
N THR B 92 -3.78 5.71 -29.63
CA THR B 92 -4.18 4.85 -28.51
C THR B 92 -2.96 4.82 -27.56
N LEU B 93 -3.13 4.27 -26.35
CA LEU B 93 -1.99 4.17 -25.43
C LEU B 93 -0.84 3.32 -26.03
N ALA B 94 -1.15 2.14 -26.61
CA ALA B 94 -0.17 1.25 -27.25
C ALA B 94 0.58 2.00 -28.37
N GLU B 95 -0.16 2.74 -29.21
CA GLU B 95 0.42 3.53 -30.30
C GLU B 95 1.36 4.61 -29.76
N ALA B 96 0.93 5.35 -28.71
CA ALA B 96 1.75 6.40 -28.09
C ALA B 96 3.03 5.79 -27.48
N ASP B 97 2.88 4.65 -26.75
CA ASP B 97 4.00 3.91 -26.14
C ASP B 97 5.02 3.48 -27.20
N ALA B 98 4.54 2.88 -28.32
CA ALA B 98 5.37 2.40 -29.43
C ALA B 98 6.12 3.56 -30.07
N ALA B 99 5.44 4.69 -30.33
CA ALA B 99 6.02 5.90 -30.93
C ALA B 99 7.10 6.51 -30.04
N LEU B 100 6.90 6.49 -28.70
CA LEU B 100 7.85 7.01 -27.73
C LEU B 100 9.11 6.11 -27.60
N GLN B 101 8.91 4.78 -27.59
CA GLN B 101 10.03 3.81 -27.52
C GLN B 101 10.85 3.83 -28.81
N LYS B 102 10.17 3.95 -29.98
CA LYS B 102 10.79 4.00 -31.32
C LYS B 102 11.63 5.26 -31.45
N ALA B 103 11.00 6.44 -31.26
CA ALA B 103 11.67 7.74 -31.30
C ALA B 103 12.29 7.97 -29.94
N TRP B 104 13.44 7.32 -29.71
CA TRP B 104 14.30 7.32 -28.51
C TRP B 104 15.47 6.43 -28.89
N ASN B 105 15.17 5.24 -29.46
CA ASN B 105 16.14 4.24 -29.91
C ASN B 105 16.56 4.54 -31.35
N GLN B 106 15.59 4.58 -32.27
CA GLN B 106 15.82 4.80 -33.70
C GLN B 106 16.37 6.20 -34.03
N GLY B 107 17.70 6.31 -33.99
CA GLY B 107 18.47 7.49 -34.32
C GLY B 107 18.27 8.73 -33.48
N GLY B 108 19.10 9.73 -33.75
CA GLY B 108 19.08 11.02 -33.08
C GLY B 108 19.73 11.03 -31.70
N ASP B 109 20.43 12.13 -31.39
CA ASP B 109 21.09 12.33 -30.10
C ASP B 109 20.09 12.88 -29.06
N TRP B 110 18.89 13.28 -29.51
CA TRP B 110 17.83 13.85 -28.67
C TRP B 110 16.42 13.51 -29.15
N ILE B 111 15.42 13.71 -28.27
CA ILE B 111 14.00 13.50 -28.53
C ILE B 111 13.25 14.84 -28.33
N ASP B 112 12.38 15.21 -29.29
CA ASP B 112 11.58 16.45 -29.25
C ASP B 112 10.16 16.14 -28.83
N LEU B 113 9.79 16.55 -27.61
CA LEU B 113 8.44 16.32 -27.12
C LEU B 113 7.69 17.62 -27.01
N VAL B 114 6.50 17.66 -27.61
CA VAL B 114 5.60 18.80 -27.44
C VAL B 114 4.63 18.37 -26.33
N VAL B 115 4.60 19.13 -25.24
CA VAL B 115 3.76 18.81 -24.08
C VAL B 115 2.79 19.93 -23.70
N ALA B 116 1.60 19.59 -23.20
CA ALA B 116 0.63 20.55 -22.67
C ALA B 116 0.82 20.41 -21.15
N VAL B 117 1.48 21.42 -20.57
CA VAL B 117 1.85 21.45 -19.15
C VAL B 117 0.59 21.56 -18.30
N CYS B 118 0.37 20.60 -17.39
N CYS B 118 0.34 20.58 -17.41
CA CYS B 118 -0.79 20.59 -16.51
CA CYS B 118 -0.84 20.61 -16.54
C CYS B 118 -0.77 21.82 -15.57
C CYS B 118 -0.78 21.81 -15.56
N PRO B 119 -1.86 22.61 -15.47
CA PRO B 119 -1.81 23.84 -14.62
C PRO B 119 -1.81 23.58 -13.10
N PRO B 120 -1.53 24.60 -12.23
CA PRO B 120 -1.57 24.32 -10.78
C PRO B 120 -2.93 23.80 -10.34
N LYS B 121 -2.93 22.90 -9.36
CA LYS B 121 -4.15 22.29 -8.84
C LYS B 121 -4.70 23.23 -7.78
N GLU B 122 -5.90 23.80 -8.03
CA GLU B 122 -6.57 24.72 -7.11
C GLU B 122 -7.52 23.91 -6.21
N TYR B 123 -7.00 22.79 -5.68
CA TYR B 123 -7.75 21.84 -4.84
C TYR B 123 -6.77 20.96 -4.09
N ASP B 124 -7.24 20.39 -2.98
CA ASP B 124 -6.43 19.51 -2.16
C ASP B 124 -6.44 18.11 -2.80
N ASP B 125 -5.38 17.78 -3.55
CA ASP B 125 -5.30 16.50 -4.25
C ASP B 125 -4.75 15.37 -3.36
N GLU B 126 -4.69 15.56 -2.04
CA GLU B 126 -4.15 14.52 -1.19
C GLU B 126 -4.95 14.30 0.08
N LEU B 127 -6.29 14.32 -0.02
CA LEU B 127 -7.13 14.02 1.15
C LEU B 127 -6.90 12.55 1.51
N THR B 128 -6.73 12.26 2.78
CA THR B 128 -6.45 10.88 3.18
C THR B 128 -7.52 10.27 4.11
N PHE B 129 -8.65 10.96 4.36
CA PHE B 129 -9.69 10.44 5.27
C PHE B 129 -10.47 9.26 4.67
N PHE B 130 -10.95 8.39 5.55
CA PHE B 130 -11.81 7.26 5.22
C PHE B 130 -12.96 7.36 6.24
C1 GOL C . -27.09 17.27 31.84
O1 GOL C . -25.81 17.82 32.09
C2 GOL C . -27.08 16.41 30.61
O2 GOL C . -26.11 15.36 30.76
C3 GOL C . -28.45 15.79 30.35
O3 GOL C . -28.43 15.01 29.17
C1 GOL D . 22.41 -28.19 20.37
O1 GOL D . 22.89 -26.87 20.12
C2 GOL D . 22.00 -28.86 19.08
O2 GOL D . 23.13 -29.06 18.25
C3 GOL D . 21.30 -30.18 19.33
O3 GOL D . 20.43 -30.49 18.24
C1 GOL E . -16.66 -9.01 11.80
O1 GOL E . -16.28 -9.09 13.17
C2 GOL E . -15.65 -9.65 10.90
O2 GOL E . -15.68 -11.07 11.08
C3 GOL E . -15.93 -9.33 9.45
O3 GOL E . -14.81 -8.69 8.84
C1 GOL F . -17.20 24.52 -16.09
O1 GOL F . -16.66 24.16 -14.83
C2 GOL F . -16.77 25.92 -16.48
O2 GOL F . -15.35 25.96 -16.66
C3 GOL F . -17.46 26.37 -17.75
O3 GOL F . -18.86 26.58 -17.53
C1 GOL G . -20.44 27.89 3.42
O1 GOL G . -21.83 28.17 3.33
C2 GOL G . -19.63 29.17 3.53
O2 GOL G . -19.75 29.69 4.86
C3 GOL G . -18.18 29.00 3.17
O3 GOL G . -18.01 28.55 1.83
MG MG H . -23.61 37.84 15.10
C1 GOL I . -5.42 9.57 10.74
O1 GOL I . -5.99 8.70 11.71
C2 GOL I . -4.34 8.87 9.94
O2 GOL I . -4.85 7.66 9.39
C3 GOL I . -3.82 9.74 8.81
O3 GOL I . -4.82 9.96 7.81
#